data_3OBW
#
_entry.id   3OBW
#
_cell.length_a   124.394
_cell.length_b   34.329
_cell.length_c   90.109
_cell.angle_alpha   90.00
_cell.angle_beta   103.64
_cell.angle_gamma   90.00
#
_symmetry.space_group_name_H-M   'C 1 2 1'
#
loop_
_entity.id
_entity.type
_entity.pdbx_description
1 polymer 'Protein pelota homolog'
2 water water
#
_entity_poly.entity_id   1
_entity_poly.type   'polypeptide(L)'
_entity_poly.pdbx_seq_one_letter_code
;MGSSHHHHHHSSGLVPRGSHMRILEFDEKRQAVKLHIESEDDLWLLHLILEKDDKVVAKTTRDVGLGKESRRIPMTIILK
VDYTEFQEFTNRLRIHGIIEDAPERFGIKGAHHTINLDIGDEIIIIKQQWNKYVLDRLKRQANKRSRIIIALVDFDEYLI
AIPFEQGIKILSEKSLRPLNEEEGIIEQNALEIATELAEYVKQYDPDAILLAGPGFFKEEVSKKVNAILKNKKIYIDSVS
SATRAGLHEVLKRDIIDKIMTDYEIAIGAKKMEKAMELLAKQPELVTYGLEQVKNAIEMGAVETVLVIEDLLSSDEQERL
TIERMLEDIENKRGEVILVPKESPIYFELKNLTGILAILRFRIN
;
_entity_poly.pdbx_strand_id   A
#
# COMPACT_ATOMS: atom_id res chain seq x y z
N ASP A 27 -0.98 -14.20 -8.17
CA ASP A 27 -2.24 -13.87 -8.91
C ASP A 27 -2.26 -12.42 -9.38
N GLU A 28 -1.29 -11.65 -8.89
CA GLU A 28 -1.18 -10.25 -9.24
C GLU A 28 0.18 -9.68 -8.78
N LYS A 29 0.94 -9.17 -9.74
CA LYS A 29 2.26 -8.58 -9.48
C LYS A 29 2.19 -7.47 -8.42
N ARG A 30 3.34 -7.20 -7.80
CA ARG A 30 3.44 -6.17 -6.77
C ARG A 30 4.44 -5.10 -7.20
N GLN A 31 5.31 -5.45 -8.15
CA GLN A 31 6.32 -4.53 -8.64
C GLN A 31 5.75 -3.60 -9.70
N ALA A 32 5.11 -2.54 -9.21
CA ALA A 32 4.50 -1.53 -10.05
C ALA A 32 5.15 -0.21 -9.66
N VAL A 33 5.17 0.74 -10.58
CA VAL A 33 5.76 2.04 -10.30
C VAL A 33 4.79 3.13 -10.75
N LYS A 34 4.51 4.08 -9.86
CA LYS A 34 3.63 5.19 -10.18
C LYS A 34 4.51 6.30 -10.73
N LEU A 35 4.03 7.00 -11.74
CA LEU A 35 4.81 8.08 -12.33
C LEU A 35 3.97 9.30 -12.67
N HIS A 36 4.45 10.47 -12.28
CA HIS A 36 3.77 11.71 -12.58
C HIS A 36 4.48 12.34 -13.77
N ILE A 37 3.76 12.48 -14.87
CA ILE A 37 4.32 13.08 -16.07
C ILE A 37 4.45 14.57 -15.82
N GLU A 38 5.69 14.99 -15.71
CA GLU A 38 6.02 16.38 -15.40
C GLU A 38 6.60 17.14 -16.62
N SER A 39 7.27 16.43 -17.53
CA SER A 39 7.87 17.05 -18.70
C SER A 39 7.71 16.18 -19.94
N GLU A 40 8.24 16.66 -21.06
CA GLU A 40 8.19 15.93 -22.32
C GLU A 40 9.17 14.74 -22.26
N ASP A 41 10.19 14.82 -21.39
CA ASP A 41 11.15 13.74 -21.27
C ASP A 41 10.51 12.59 -20.52
N ASP A 42 9.61 12.91 -19.58
CA ASP A 42 8.93 11.87 -18.84
C ASP A 42 8.17 11.06 -19.89
N LEU A 43 7.77 11.75 -20.95
CA LEU A 43 7.06 11.10 -22.04
C LEU A 43 7.97 10.20 -22.86
N TRP A 44 9.16 10.69 -23.23
CA TRP A 44 10.07 9.87 -24.02
C TRP A 44 10.50 8.67 -23.23
N LEU A 45 10.67 8.85 -21.93
CA LEU A 45 11.09 7.74 -21.09
C LEU A 45 10.10 6.61 -21.19
N LEU A 46 8.83 6.93 -20.99
CA LEU A 46 7.76 5.94 -21.05
C LEU A 46 7.70 5.26 -22.40
N HIS A 47 7.96 6.03 -23.44
CA HIS A 47 7.95 5.55 -24.82
C HIS A 47 9.10 4.60 -25.10
N LEU A 48 10.20 4.80 -24.39
CA LEU A 48 11.40 3.98 -24.56
C LEU A 48 11.40 2.68 -23.77
N ILE A 49 10.84 2.70 -22.56
CA ILE A 49 10.85 1.50 -21.74
C ILE A 49 9.57 0.67 -21.72
N LEU A 50 8.48 1.18 -22.29
CA LEU A 50 7.25 0.40 -22.30
C LEU A 50 7.28 -0.59 -23.47
N GLU A 51 7.34 -1.87 -23.14
CA GLU A 51 7.38 -2.92 -24.16
C GLU A 51 6.06 -3.59 -24.48
N LYS A 52 6.14 -4.49 -25.44
CA LYS A 52 5.02 -5.25 -25.96
C LYS A 52 3.94 -5.65 -24.97
N ASP A 53 4.21 -6.65 -24.14
CA ASP A 53 3.19 -7.14 -23.22
C ASP A 53 3.20 -6.58 -21.79
N ASP A 54 3.59 -5.31 -21.65
CA ASP A 54 3.60 -4.71 -20.32
C ASP A 54 2.22 -4.14 -20.06
N LYS A 55 1.85 -4.00 -18.79
CA LYS A 55 0.54 -3.45 -18.45
C LYS A 55 0.68 -2.06 -17.85
N VAL A 56 -0.30 -1.20 -18.08
CA VAL A 56 -0.28 0.17 -17.52
C VAL A 56 -1.64 0.52 -16.93
N VAL A 57 -1.62 1.25 -15.83
CA VAL A 57 -2.87 1.64 -15.19
C VAL A 57 -2.97 3.16 -15.28
N ALA A 58 -4.06 3.64 -15.85
CA ALA A 58 -4.24 5.07 -16.02
C ALA A 58 -5.69 5.49 -16.25
N LYS A 59 -5.95 6.78 -16.08
CA LYS A 59 -7.27 7.35 -16.31
C LYS A 59 -7.44 7.45 -17.83
N THR A 60 -8.68 7.55 -18.29
CA THR A 60 -8.93 7.67 -19.72
C THR A 60 -10.40 7.92 -19.99
N THR A 61 -10.75 7.96 -21.28
CA THR A 61 -12.13 8.16 -21.69
C THR A 61 -12.50 7.09 -22.71
N ARG A 62 -13.72 6.58 -22.60
CA ARG A 62 -14.24 5.58 -23.54
C ARG A 62 -15.62 6.04 -23.99
N ASP A 63 -15.87 5.96 -25.30
CA ASP A 63 -17.15 6.35 -25.84
C ASP A 63 -17.94 5.07 -26.15
N VAL A 64 -18.71 4.63 -25.16
CA VAL A 64 -19.50 3.42 -25.27
C VAL A 64 -20.95 3.68 -25.69
N GLY A 65 -21.48 2.84 -26.57
CA GLY A 65 -22.85 3.00 -27.02
C GLY A 65 -22.92 3.55 -28.43
N GLU A 69 -26.81 6.43 -28.52
CA GLU A 69 -25.53 6.56 -29.21
C GLU A 69 -24.41 6.97 -28.26
N SER A 70 -23.26 7.23 -28.85
CA SER A 70 -22.04 7.61 -28.15
C SER A 70 -22.21 8.38 -26.85
N ARG A 71 -21.37 8.00 -25.87
CA ARG A 71 -21.33 8.64 -24.56
C ARG A 71 -19.89 8.53 -24.07
N ARG A 72 -19.23 9.68 -23.96
CA ARG A 72 -17.84 9.75 -23.49
C ARG A 72 -17.80 9.67 -21.96
N ILE A 73 -17.32 8.55 -21.42
CA ILE A 73 -17.24 8.45 -19.97
C ILE A 73 -15.87 8.15 -19.41
N PRO A 74 -15.37 9.03 -18.52
CA PRO A 74 -14.07 8.90 -17.88
C PRO A 74 -14.01 7.56 -17.18
N MET A 75 -12.84 6.94 -17.14
CA MET A 75 -12.71 5.67 -16.46
C MET A 75 -11.25 5.32 -16.29
N THR A 76 -10.97 4.40 -15.37
CA THR A 76 -9.60 3.98 -15.13
C THR A 76 -9.50 2.50 -15.49
N ILE A 77 -8.54 2.16 -16.34
CA ILE A 77 -8.39 0.79 -16.81
C ILE A 77 -6.96 0.28 -16.69
N ILE A 78 -6.81 -1.04 -16.87
CA ILE A 78 -5.49 -1.68 -16.89
C ILE A 78 -5.36 -2.09 -18.34
N LEU A 79 -4.36 -1.56 -19.02
CA LEU A 79 -4.13 -1.86 -20.43
C LEU A 79 -2.87 -2.68 -20.62
N LYS A 80 -2.95 -3.69 -21.48
CA LYS A 80 -1.75 -4.50 -21.81
C LYS A 80 -1.28 -3.84 -23.12
N VAL A 81 -0.09 -3.27 -23.09
CA VAL A 81 0.48 -2.55 -24.22
C VAL A 81 0.67 -3.36 -25.48
N ASP A 82 0.61 -2.67 -26.62
CA ASP A 82 0.85 -3.27 -27.93
C ASP A 82 2.13 -2.53 -28.37
N TYR A 83 2.01 -1.21 -28.47
CA TYR A 83 3.10 -0.31 -28.82
C TYR A 83 2.73 1.15 -28.54
N THR A 84 3.73 1.97 -28.24
CA THR A 84 3.50 3.38 -27.93
C THR A 84 3.89 4.29 -29.11
N GLU A 85 3.41 5.53 -29.08
CA GLU A 85 3.69 6.50 -30.13
C GLU A 85 3.81 7.92 -29.58
N PHE A 86 4.96 8.53 -29.80
CA PHE A 86 5.15 9.91 -29.35
C PHE A 86 4.57 10.83 -30.44
N GLN A 87 3.66 11.73 -30.04
CA GLN A 87 3.07 12.67 -31.00
C GLN A 87 3.80 14.00 -30.91
N GLU A 88 4.74 14.21 -31.83
CA GLU A 88 5.58 15.41 -31.93
C GLU A 88 4.87 16.76 -31.81
N PHE A 89 3.75 16.90 -32.52
CA PHE A 89 3.02 18.16 -32.55
C PHE A 89 2.16 18.49 -31.34
N THR A 90 1.50 17.50 -30.77
CA THR A 90 0.68 17.73 -29.59
C THR A 90 1.49 17.36 -28.34
N ASN A 91 2.70 16.88 -28.54
CA ASN A 91 3.57 16.48 -27.44
C ASN A 91 2.89 15.62 -26.38
N ARG A 92 2.52 14.40 -26.77
CA ARG A 92 1.90 13.45 -25.88
C ARG A 92 2.19 12.03 -26.36
N LEU A 93 2.00 11.05 -25.47
CA LEU A 93 2.27 9.67 -25.81
C LEU A 93 0.98 8.87 -25.90
N ARG A 94 0.81 8.14 -27.00
CA ARG A 94 -0.37 7.32 -27.19
C ARG A 94 0.02 5.86 -26.94
N ILE A 95 -0.56 5.24 -25.91
CA ILE A 95 -0.27 3.85 -25.64
C ILE A 95 -1.37 3.02 -26.26
N HIS A 96 -0.99 2.11 -27.16
CA HIS A 96 -1.97 1.25 -27.84
C HIS A 96 -2.00 -0.15 -27.25
N GLY A 97 -3.19 -0.74 -27.13
CA GLY A 97 -3.29 -2.08 -26.59
C GLY A 97 -4.70 -2.60 -26.43
N ILE A 98 -4.87 -3.61 -25.58
CA ILE A 98 -6.20 -4.13 -25.34
C ILE A 98 -6.52 -3.97 -23.85
N ILE A 99 -7.80 -3.76 -23.53
CA ILE A 99 -8.22 -3.55 -22.16
C ILE A 99 -8.23 -4.81 -21.31
N GLU A 100 -7.37 -4.81 -20.29
CA GLU A 100 -7.24 -5.93 -19.39
C GLU A 100 -8.28 -5.87 -18.26
N ASP A 101 -8.66 -4.66 -17.85
CA ASP A 101 -9.64 -4.50 -16.78
C ASP A 101 -10.31 -3.13 -16.73
N ALA A 102 -11.61 -3.12 -16.44
CA ALA A 102 -12.38 -1.90 -16.33
C ALA A 102 -13.67 -2.28 -15.63
N PRO A 103 -14.51 -1.30 -15.25
CA PRO A 103 -15.77 -1.67 -14.58
C PRO A 103 -16.54 -2.62 -15.49
N GLU A 104 -16.95 -3.77 -14.96
CA GLU A 104 -17.66 -4.74 -15.78
C GLU A 104 -18.94 -4.24 -16.45
N ARG A 105 -19.61 -3.27 -15.84
CA ARG A 105 -20.82 -2.76 -16.44
C ARG A 105 -20.65 -2.25 -17.88
N PHE A 106 -19.42 -2.06 -18.34
CA PHE A 106 -19.22 -1.58 -19.72
C PHE A 106 -18.87 -2.70 -20.66
N GLY A 107 -18.65 -3.90 -20.11
CA GLY A 107 -18.29 -5.06 -20.92
C GLY A 107 -17.30 -4.74 -22.04
N ILE A 108 -16.24 -4.01 -21.72
CA ILE A 108 -15.25 -3.62 -22.72
C ILE A 108 -13.90 -4.34 -22.65
N LYS A 109 -13.79 -5.37 -21.83
CA LYS A 109 -12.53 -6.11 -21.74
C LYS A 109 -12.24 -6.69 -23.12
N GLY A 110 -10.98 -6.94 -23.41
CA GLY A 110 -10.62 -7.49 -24.72
C GLY A 110 -10.66 -6.49 -25.86
N ALA A 111 -11.33 -5.35 -25.65
CA ALA A 111 -11.39 -4.35 -26.71
C ALA A 111 -10.03 -3.66 -26.91
N HIS A 112 -9.86 -2.99 -28.04
CA HIS A 112 -8.63 -2.24 -28.30
C HIS A 112 -8.95 -0.84 -27.80
N HIS A 113 -7.94 -0.17 -27.27
CA HIS A 113 -8.13 1.18 -26.75
C HIS A 113 -6.82 1.92 -26.85
N THR A 114 -6.92 3.24 -26.89
CA THR A 114 -5.73 4.05 -26.96
C THR A 114 -5.73 4.98 -25.77
N ILE A 115 -4.64 4.97 -25.03
CA ILE A 115 -4.53 5.86 -23.89
C ILE A 115 -3.71 7.06 -24.32
N ASN A 116 -4.29 8.23 -24.12
CA ASN A 116 -3.62 9.48 -24.46
C ASN A 116 -3.02 10.08 -23.20
N LEU A 117 -1.71 9.91 -23.05
CA LEU A 117 -0.97 10.40 -21.90
C LEU A 117 -0.37 11.79 -22.16
N ASP A 118 -0.68 12.73 -21.26
CA ASP A 118 -0.21 14.10 -21.36
C ASP A 118 0.51 14.57 -20.12
N ILE A 119 1.19 15.71 -20.26
CA ILE A 119 1.90 16.35 -19.16
C ILE A 119 0.80 16.68 -18.17
N GLY A 120 0.94 16.22 -16.92
CA GLY A 120 -0.06 16.45 -15.90
C GLY A 120 -0.69 15.16 -15.41
N ASP A 121 -0.74 14.17 -16.29
CA ASP A 121 -1.31 12.86 -15.99
C ASP A 121 -0.43 11.99 -15.10
N GLU A 122 -1.02 10.92 -14.58
CA GLU A 122 -0.34 9.95 -13.73
C GLU A 122 -0.49 8.59 -14.39
N ILE A 123 0.38 7.66 -14.07
CA ILE A 123 0.28 6.36 -14.66
C ILE A 123 1.11 5.42 -13.82
N ILE A 124 0.63 4.19 -13.71
CA ILE A 124 1.32 3.18 -12.93
C ILE A 124 1.82 2.16 -13.94
N ILE A 125 3.11 1.91 -13.98
CA ILE A 125 3.60 0.95 -14.93
C ILE A 125 4.01 -0.34 -14.26
N ILE A 126 3.71 -1.44 -14.94
CA ILE A 126 4.02 -2.77 -14.48
C ILE A 126 4.70 -3.49 -15.63
N LYS A 127 6.03 -3.55 -15.62
CA LYS A 127 6.74 -4.23 -16.70
C LYS A 127 6.77 -5.73 -16.42
N GLN A 128 6.78 -6.53 -17.48
CA GLN A 128 6.83 -7.98 -17.32
C GLN A 128 8.18 -8.39 -16.76
N GLN A 129 9.24 -7.81 -17.31
CA GLN A 129 10.60 -8.11 -16.90
C GLN A 129 11.02 -7.53 -15.54
N TRP A 130 10.20 -7.75 -14.51
CA TRP A 130 10.49 -7.25 -13.17
C TRP A 130 10.16 -8.29 -12.11
N ARG A 145 5.57 -4.66 7.51
CA ARG A 145 5.33 -5.79 8.40
C ARG A 145 3.83 -5.95 8.66
N SER A 146 3.07 -4.95 8.24
CA SER A 146 1.62 -4.94 8.42
C SER A 146 0.90 -5.62 7.24
N ARG A 147 0.14 -6.67 7.55
CA ARG A 147 -0.61 -7.38 6.54
C ARG A 147 -1.98 -6.70 6.49
N ILE A 148 -2.34 -6.24 5.30
CA ILE A 148 -3.59 -5.54 5.11
C ILE A 148 -4.56 -6.31 4.23
N ILE A 149 -5.84 -6.26 4.61
CA ILE A 149 -6.90 -6.90 3.88
C ILE A 149 -7.59 -5.73 3.15
N ILE A 150 -7.72 -5.84 1.82
CA ILE A 150 -8.33 -4.78 1.04
C ILE A 150 -9.69 -5.13 0.42
N ALA A 151 -10.67 -4.25 0.65
CA ALA A 151 -11.99 -4.46 0.10
C ALA A 151 -12.37 -3.27 -0.80
N LEU A 152 -12.53 -3.56 -2.08
CA LEU A 152 -12.91 -2.53 -3.04
C LEU A 152 -14.39 -2.72 -3.33
N VAL A 153 -15.19 -1.73 -2.95
CA VAL A 153 -16.62 -1.85 -3.17
C VAL A 153 -17.21 -0.68 -3.96
N ASP A 154 -17.91 -1.03 -5.04
CA ASP A 154 -18.59 -0.04 -5.88
C ASP A 154 -20.04 -0.45 -5.69
N PHE A 155 -20.99 0.36 -6.13
CA PHE A 155 -22.39 0.00 -5.94
C PHE A 155 -22.90 -1.22 -6.71
N ASP A 156 -22.12 -1.73 -7.66
CA ASP A 156 -22.56 -2.87 -8.46
C ASP A 156 -21.48 -3.92 -8.69
N GLU A 157 -20.39 -3.81 -7.95
CA GLU A 157 -19.26 -4.73 -8.10
C GLU A 157 -18.33 -4.59 -6.89
N TYR A 158 -17.48 -5.58 -6.66
CA TYR A 158 -16.55 -5.51 -5.54
C TYR A 158 -15.40 -6.50 -5.66
N LEU A 159 -14.37 -6.26 -4.86
CA LEU A 159 -13.17 -7.08 -4.90
C LEU A 159 -12.53 -7.15 -3.51
N ILE A 160 -11.98 -8.31 -3.17
CA ILE A 160 -11.30 -8.54 -1.89
C ILE A 160 -9.92 -9.08 -2.19
N ALA A 161 -8.90 -8.55 -1.52
CA ALA A 161 -7.54 -9.02 -1.78
C ALA A 161 -6.62 -8.74 -0.60
N ILE A 162 -5.46 -9.39 -0.61
CA ILE A 162 -4.47 -9.19 0.44
C ILE A 162 -3.10 -9.07 -0.23
N PRO A 163 -2.32 -8.06 0.16
CA PRO A 163 -0.98 -7.87 -0.41
C PRO A 163 0.12 -8.55 0.41
N PHE A 164 1.03 -9.22 -0.29
CA PHE A 164 2.14 -9.88 0.35
C PHE A 164 3.42 -9.30 -0.25
N GLU A 165 4.56 -9.58 0.38
CA GLU A 165 5.82 -9.09 -0.16
C GLU A 165 5.99 -9.88 -1.43
N GLN A 166 5.40 -11.07 -1.45
CA GLN A 166 5.46 -11.96 -2.60
C GLN A 166 4.66 -11.37 -3.76
N GLY A 167 3.38 -11.11 -3.53
CA GLY A 167 2.53 -10.55 -4.57
C GLY A 167 1.17 -10.13 -4.03
N ILE A 168 0.18 -10.07 -4.90
CA ILE A 168 -1.18 -9.71 -4.49
C ILE A 168 -2.15 -10.85 -4.76
N LYS A 169 -2.70 -11.45 -3.71
CA LYS A 169 -3.66 -12.52 -3.90
C LYS A 169 -5.04 -11.90 -3.88
N ILE A 170 -5.87 -12.33 -4.82
CA ILE A 170 -7.23 -11.83 -4.94
C ILE A 170 -8.22 -12.87 -4.46
N LEU A 171 -8.68 -12.71 -3.22
CA LEU A 171 -9.65 -13.64 -2.65
C LEU A 171 -10.92 -13.61 -3.49
N SER A 172 -11.87 -12.76 -3.09
CA SER A 172 -13.12 -12.63 -3.81
C SER A 172 -13.00 -11.53 -4.88
N GLU A 173 -13.90 -11.55 -5.86
CA GLU A 173 -13.95 -10.57 -6.95
C GLU A 173 -15.10 -10.97 -7.87
N LYS A 174 -16.26 -10.32 -7.69
CA LYS A 174 -17.44 -10.64 -8.50
C LYS A 174 -18.40 -9.46 -8.66
N SER A 175 -19.37 -9.64 -9.55
CA SER A 175 -20.35 -8.58 -9.81
C SER A 175 -21.55 -8.72 -8.89
N LEU A 176 -22.34 -7.66 -8.83
CA LEU A 176 -23.54 -7.62 -8.03
C LEU A 176 -24.65 -7.14 -8.97
N ARG A 177 -24.24 -6.76 -10.18
CA ARG A 177 -25.11 -6.23 -11.22
C ARG A 177 -26.48 -6.89 -11.38
N PRO A 178 -26.52 -8.23 -11.48
CA PRO A 178 -27.82 -8.88 -11.64
C PRO A 178 -28.55 -9.02 -10.29
N LEU A 179 -27.92 -8.54 -9.22
CA LEU A 179 -28.50 -8.67 -7.89
C LEU A 179 -29.25 -7.45 -7.35
N ASN A 180 -29.72 -6.57 -8.23
CA ASN A 180 -30.41 -5.39 -7.72
C ASN A 180 -31.61 -4.84 -8.48
N GLU A 181 -32.75 -4.85 -7.80
CA GLU A 181 -34.02 -4.35 -8.32
C GLU A 181 -34.89 -4.12 -7.10
N GLU A 182 -34.91 -2.88 -6.63
CA GLU A 182 -35.68 -2.48 -5.46
C GLU A 182 -35.47 -3.44 -4.27
N GLU A 183 -36.27 -3.24 -3.23
CA GLU A 183 -36.24 -4.05 -2.00
C GLU A 183 -35.19 -3.55 -0.99
N GLY A 184 -34.28 -4.44 -0.59
CA GLY A 184 -33.24 -4.08 0.36
C GLY A 184 -32.02 -3.49 -0.31
N ILE A 185 -31.69 -4.01 -1.49
CA ILE A 185 -30.56 -3.58 -2.31
C ILE A 185 -29.27 -3.14 -1.60
N ILE A 186 -29.04 -1.84 -1.49
CA ILE A 186 -27.83 -1.33 -0.86
C ILE A 186 -27.53 -2.03 0.46
N GLU A 187 -28.30 -1.73 1.49
CA GLU A 187 -28.09 -2.33 2.80
C GLU A 187 -27.83 -3.83 2.66
N GLN A 188 -28.68 -4.50 1.88
CA GLN A 188 -28.51 -5.92 1.70
C GLN A 188 -27.18 -6.28 1.06
N ASN A 189 -26.82 -5.56 0.00
CA ASN A 189 -25.56 -5.83 -0.69
C ASN A 189 -24.35 -5.58 0.19
N ALA A 190 -24.37 -4.45 0.89
CA ALA A 190 -23.28 -4.11 1.80
C ALA A 190 -23.06 -5.28 2.76
N LEU A 191 -24.15 -5.75 3.36
CA LEU A 191 -24.10 -6.85 4.31
C LEU A 191 -23.46 -8.09 3.68
N GLU A 192 -23.85 -8.40 2.45
CA GLU A 192 -23.29 -9.55 1.74
C GLU A 192 -21.77 -9.45 1.57
N ILE A 193 -21.25 -8.23 1.50
CA ILE A 193 -19.82 -8.01 1.36
C ILE A 193 -19.17 -8.08 2.73
N ALA A 194 -19.79 -7.42 3.71
CA ALA A 194 -19.27 -7.41 5.08
C ALA A 194 -19.09 -8.85 5.56
N THR A 195 -20.14 -9.66 5.39
CA THR A 195 -20.09 -11.07 5.77
C THR A 195 -18.89 -11.66 5.03
N GLU A 196 -18.98 -11.64 3.70
CA GLU A 196 -17.94 -12.14 2.81
C GLU A 196 -16.53 -11.73 3.24
N LEU A 197 -16.42 -10.62 3.98
CA LEU A 197 -15.13 -10.13 4.41
C LEU A 197 -14.75 -10.75 5.76
N ALA A 198 -15.69 -10.73 6.70
CA ALA A 198 -15.47 -11.28 8.02
C ALA A 198 -14.79 -12.65 7.98
N GLU A 199 -15.20 -13.52 7.06
CA GLU A 199 -14.59 -14.85 6.96
C GLU A 199 -13.11 -14.72 6.62
N TYR A 200 -12.82 -13.89 5.62
CA TYR A 200 -11.45 -13.67 5.18
C TYR A 200 -10.55 -13.11 6.28
N VAL A 201 -11.10 -12.19 7.08
CA VAL A 201 -10.34 -11.59 8.18
C VAL A 201 -9.97 -12.65 9.21
N LYS A 202 -10.99 -13.27 9.81
CA LYS A 202 -10.76 -14.31 10.82
C LYS A 202 -9.82 -15.39 10.27
N GLN A 203 -9.97 -15.68 8.98
CA GLN A 203 -9.18 -16.69 8.31
C GLN A 203 -7.73 -16.30 8.01
N TYR A 204 -7.43 -15.00 8.04
CA TYR A 204 -6.07 -14.51 7.75
C TYR A 204 -5.55 -13.56 8.82
N ASP A 205 -6.41 -13.27 9.80
CA ASP A 205 -6.11 -12.36 10.90
C ASP A 205 -5.16 -11.24 10.48
N PRO A 206 -5.60 -10.35 9.57
CA PRO A 206 -4.78 -9.22 9.10
C PRO A 206 -4.70 -8.14 10.16
N ASP A 207 -3.71 -7.26 10.04
CA ASP A 207 -3.54 -6.20 11.02
C ASP A 207 -4.60 -5.11 10.86
N ALA A 208 -4.81 -4.67 9.62
CA ALA A 208 -5.78 -3.63 9.34
C ALA A 208 -6.62 -3.96 8.13
N ILE A 209 -7.80 -3.36 8.07
CA ILE A 209 -8.74 -3.58 6.98
C ILE A 209 -8.91 -2.27 6.22
N LEU A 210 -8.75 -2.31 4.91
CA LEU A 210 -8.88 -1.11 4.09
C LEU A 210 -10.15 -1.15 3.28
N LEU A 211 -11.06 -0.22 3.57
CA LEU A 211 -12.33 -0.12 2.85
C LEU A 211 -12.16 1.03 1.86
N ALA A 212 -12.24 0.71 0.57
CA ALA A 212 -12.09 1.74 -0.46
C ALA A 212 -13.02 1.57 -1.64
N GLY A 213 -13.20 2.65 -2.40
CA GLY A 213 -14.06 2.64 -3.56
C GLY A 213 -14.82 3.94 -3.75
N PRO A 214 -15.58 4.06 -4.85
CA PRO A 214 -16.38 5.25 -5.20
C PRO A 214 -17.60 5.55 -4.34
N GLY A 215 -17.62 6.79 -3.85
CA GLY A 215 -18.68 7.31 -3.01
C GLY A 215 -19.74 6.50 -2.27
N PHE A 216 -19.95 6.94 -1.04
CA PHE A 216 -20.95 6.41 -0.11
C PHE A 216 -21.08 4.91 0.17
N PHE A 217 -21.25 4.08 -0.87
CA PHE A 217 -21.40 2.64 -0.62
C PHE A 217 -20.36 2.05 0.34
N LYS A 218 -19.09 2.45 0.19
CA LYS A 218 -18.05 1.93 1.05
C LYS A 218 -18.37 2.26 2.50
N GLU A 219 -18.94 3.45 2.73
CA GLU A 219 -19.29 3.87 4.10
C GLU A 219 -20.38 2.93 4.62
N GLU A 220 -21.20 2.45 3.70
CA GLU A 220 -22.29 1.55 4.05
C GLU A 220 -21.71 0.23 4.54
N VAL A 221 -20.77 -0.31 3.76
CA VAL A 221 -20.14 -1.58 4.10
C VAL A 221 -19.34 -1.46 5.39
N SER A 222 -18.77 -0.28 5.63
CA SER A 222 -18.00 -0.05 6.86
C SER A 222 -18.95 -0.25 8.03
N LYS A 223 -20.08 0.44 7.96
CA LYS A 223 -21.10 0.34 8.98
C LYS A 223 -21.42 -1.12 9.33
N LYS A 224 -21.52 -1.98 8.32
CA LYS A 224 -21.83 -3.38 8.55
C LYS A 224 -20.68 -4.14 9.17
N VAL A 225 -19.60 -4.31 8.41
CA VAL A 225 -18.42 -5.03 8.88
C VAL A 225 -18.07 -4.60 10.30
N ASN A 226 -18.25 -3.31 10.59
CA ASN A 226 -17.94 -2.83 11.91
C ASN A 226 -18.93 -3.41 12.92
N ALA A 227 -20.18 -3.53 12.49
CA ALA A 227 -21.26 -4.04 13.32
C ALA A 227 -21.14 -5.53 13.63
N ILE A 228 -20.09 -6.18 13.13
CA ILE A 228 -19.94 -7.60 13.40
C ILE A 228 -18.62 -7.98 14.05
N LEU A 229 -17.85 -7.00 14.51
CA LEU A 229 -16.60 -7.32 15.18
C LEU A 229 -15.93 -6.31 16.12
N LYS A 230 -15.80 -5.05 15.70
CA LYS A 230 -15.16 -4.05 16.57
C LYS A 230 -13.82 -4.56 17.13
N ASN A 231 -13.25 -5.55 16.45
CA ASN A 231 -11.99 -6.14 16.90
C ASN A 231 -10.79 -5.75 16.01
N LYS A 232 -11.09 -5.11 14.87
CA LYS A 232 -10.04 -4.72 13.92
C LYS A 232 -10.09 -3.23 13.55
N LYS A 233 -8.97 -2.70 13.06
CA LYS A 233 -8.89 -1.30 12.63
C LYS A 233 -9.33 -1.17 11.18
N ILE A 234 -10.43 -0.45 10.94
CA ILE A 234 -10.93 -0.27 9.58
C ILE A 234 -10.55 1.11 9.03
N TYR A 235 -9.95 1.12 7.85
CA TYR A 235 -9.57 2.38 7.21
C TYR A 235 -10.50 2.61 6.00
N ILE A 236 -10.62 3.86 5.57
CA ILE A 236 -11.46 4.21 4.42
C ILE A 236 -10.83 5.24 3.52
N ASP A 237 -10.82 4.96 2.22
CA ASP A 237 -10.26 5.84 1.22
C ASP A 237 -11.13 5.64 -0.03
N SER A 238 -11.06 6.56 -0.99
CA SER A 238 -11.90 6.40 -2.18
C SER A 238 -11.14 6.43 -3.51
N VAL A 239 -11.52 5.49 -4.38
CA VAL A 239 -10.97 5.35 -5.73
C VAL A 239 -12.20 5.33 -6.66
N SER A 240 -12.03 5.73 -7.92
CA SER A 240 -13.16 5.80 -8.85
C SER A 240 -13.84 4.50 -9.26
N SER A 241 -13.23 3.36 -8.95
CA SER A 241 -13.83 2.06 -9.32
C SER A 241 -13.44 0.93 -8.39
N ALA A 242 -14.15 -0.19 -8.48
CA ALA A 242 -13.86 -1.37 -7.66
C ALA A 242 -13.34 -2.53 -8.53
N THR A 243 -12.25 -2.27 -9.26
CA THR A 243 -11.65 -3.27 -10.15
C THR A 243 -10.17 -3.49 -9.80
N ARG A 244 -9.44 -4.19 -10.66
CA ARG A 244 -8.02 -4.40 -10.41
C ARG A 244 -7.30 -3.10 -10.63
N ALA A 245 -7.94 -2.19 -11.36
CA ALA A 245 -7.35 -0.88 -11.62
C ALA A 245 -7.42 -0.05 -10.35
N GLY A 246 -8.58 -0.09 -9.70
CA GLY A 246 -8.76 0.64 -8.47
C GLY A 246 -7.84 0.09 -7.40
N LEU A 247 -7.51 -1.20 -7.52
CA LEU A 247 -6.62 -1.87 -6.57
C LEU A 247 -5.21 -1.36 -6.67
N HIS A 248 -4.69 -1.34 -7.89
CA HIS A 248 -3.34 -0.84 -8.13
C HIS A 248 -3.27 0.62 -7.74
N GLU A 249 -4.40 1.31 -7.87
CA GLU A 249 -4.49 2.73 -7.54
C GLU A 249 -4.42 2.91 -6.02
N VAL A 250 -5.18 2.10 -5.31
CA VAL A 250 -5.21 2.16 -3.86
C VAL A 250 -3.85 1.88 -3.26
N LEU A 251 -3.20 0.83 -3.74
CA LEU A 251 -1.88 0.49 -3.22
C LEU A 251 -0.86 1.62 -3.36
N LYS A 252 -1.03 2.45 -4.38
CA LYS A 252 -0.15 3.57 -4.61
C LYS A 252 -0.64 4.89 -3.98
N ARG A 253 -1.70 4.82 -3.19
CA ARG A 253 -2.23 6.02 -2.56
C ARG A 253 -1.66 6.18 -1.16
N ASP A 254 -1.72 7.41 -0.64
CA ASP A 254 -1.19 7.72 0.68
C ASP A 254 -1.71 6.90 1.84
N ILE A 255 -2.90 6.34 1.68
CA ILE A 255 -3.51 5.55 2.74
C ILE A 255 -2.65 4.37 3.22
N ILE A 256 -1.97 3.72 2.29
CA ILE A 256 -1.12 2.59 2.68
C ILE A 256 -0.05 3.03 3.69
N ASP A 257 0.62 4.15 3.42
CA ASP A 257 1.63 4.66 4.33
C ASP A 257 1.03 4.84 5.72
N LYS A 258 -0.13 5.50 5.77
CA LYS A 258 -0.82 5.75 7.03
C LYS A 258 -1.02 4.44 7.80
N ILE A 259 -1.52 3.41 7.13
CA ILE A 259 -1.74 2.12 7.78
C ILE A 259 -0.42 1.53 8.27
N MET A 260 0.62 1.62 7.44
CA MET A 260 1.93 1.09 7.81
C MET A 260 2.54 1.82 9.01
N THR A 261 2.46 3.14 8.98
CA THR A 261 3.00 3.99 10.04
C THR A 261 2.28 3.84 11.38
N ASP A 262 0.97 3.57 11.35
CA ASP A 262 0.24 3.39 12.59
C ASP A 262 0.72 2.09 13.21
N TYR A 263 0.97 1.10 12.37
CA TYR A 263 1.44 -0.20 12.86
C TYR A 263 2.79 -0.04 13.53
N GLU A 264 3.77 0.51 12.80
CA GLU A 264 5.10 0.67 13.38
C GLU A 264 5.09 1.53 14.65
N ILE A 265 4.26 2.57 14.69
CA ILE A 265 4.17 3.43 15.88
C ILE A 265 3.66 2.62 17.07
N ALA A 266 2.72 1.71 16.81
CA ALA A 266 2.16 0.88 17.85
C ALA A 266 3.13 -0.19 18.36
N ILE A 267 3.85 -0.86 17.47
CA ILE A 267 4.78 -1.92 17.91
C ILE A 267 5.94 -1.32 18.70
N GLY A 268 6.39 -0.14 18.28
CA GLY A 268 7.49 0.52 18.97
C GLY A 268 7.07 1.19 20.26
N ALA A 269 5.78 1.23 20.54
CA ALA A 269 5.31 1.84 21.77
C ALA A 269 5.35 0.77 22.85
N LYS A 270 4.85 -0.41 22.54
CA LYS A 270 4.86 -1.48 23.51
C LYS A 270 6.30 -1.90 23.77
N LYS A 271 7.10 -1.93 22.72
CA LYS A 271 8.51 -2.33 22.83
C LYS A 271 9.24 -1.42 23.82
N MET A 272 8.92 -0.13 23.76
CA MET A 272 9.53 0.84 24.65
C MET A 272 9.14 0.55 26.09
N GLU A 273 7.93 0.03 26.28
CA GLU A 273 7.46 -0.32 27.61
C GLU A 273 8.28 -1.52 28.03
N LYS A 274 8.46 -2.45 27.10
CA LYS A 274 9.25 -3.66 27.32
C LYS A 274 10.65 -3.23 27.69
N ALA A 275 11.07 -2.09 27.14
CA ALA A 275 12.40 -1.55 27.39
C ALA A 275 12.48 -0.94 28.77
N MET A 276 11.51 -0.12 29.12
CA MET A 276 11.52 0.53 30.43
C MET A 276 11.43 -0.45 31.60
N GLU A 277 10.45 -1.33 31.57
CA GLU A 277 10.30 -2.30 32.64
C GLU A 277 11.50 -3.24 32.68
N LEU A 278 12.11 -3.46 31.53
CA LEU A 278 13.27 -4.33 31.44
C LEU A 278 14.50 -3.57 31.92
N LEU A 279 14.61 -2.33 31.45
CA LEU A 279 15.72 -1.47 31.83
C LEU A 279 15.85 -1.49 33.34
N ALA A 280 14.85 -0.92 34.00
CA ALA A 280 14.81 -0.86 35.45
C ALA A 280 14.54 -2.22 36.09
N LYS A 281 15.10 -3.29 35.54
CA LYS A 281 14.91 -4.61 36.13
C LYS A 281 15.57 -5.82 35.48
N GLN A 282 16.90 -5.79 35.37
CA GLN A 282 17.66 -6.92 34.81
C GLN A 282 19.12 -6.96 35.25
N PRO A 283 19.86 -5.86 35.07
CA PRO A 283 19.39 -4.60 34.47
C PRO A 283 19.77 -4.60 33.00
N GLU A 284 20.81 -3.87 32.68
CA GLU A 284 21.29 -3.77 31.31
C GLU A 284 21.12 -5.04 30.47
N LEU A 285 19.93 -5.14 29.91
CA LEU A 285 19.52 -6.19 29.01
C LEU A 285 18.93 -5.20 28.03
N VAL A 286 19.21 -3.95 28.36
CA VAL A 286 18.78 -2.78 27.60
C VAL A 286 19.95 -1.79 27.59
N THR A 287 20.14 -1.12 26.45
CA THR A 287 21.19 -0.13 26.33
C THR A 287 20.72 0.91 25.31
N TYR A 288 21.32 2.10 25.38
CA TYR A 288 20.98 3.15 24.44
C TYR A 288 22.26 3.86 24.05
N GLY A 289 22.15 4.94 23.29
CA GLY A 289 23.34 5.65 22.89
C GLY A 289 24.00 4.96 21.72
N LEU A 290 24.42 5.75 20.73
CA LEU A 290 25.05 5.21 19.54
C LEU A 290 26.16 4.17 19.78
N GLU A 291 27.26 4.58 20.43
CA GLU A 291 28.38 3.67 20.69
C GLU A 291 27.98 2.37 21.36
N GLN A 292 27.14 2.46 22.38
CA GLN A 292 26.70 1.27 23.08
C GLN A 292 26.04 0.30 22.10
N VAL A 293 25.19 0.84 21.22
CA VAL A 293 24.50 0.01 20.25
C VAL A 293 25.44 -0.66 19.23
N LYS A 294 26.58 -0.04 18.94
CA LYS A 294 27.54 -0.62 18.00
C LYS A 294 28.25 -1.84 18.60
N ASN A 295 28.74 -1.71 19.82
CA ASN A 295 29.41 -2.84 20.45
C ASN A 295 28.41 -3.98 20.66
N ALA A 296 27.13 -3.62 20.80
CA ALA A 296 26.06 -4.61 20.97
C ALA A 296 25.87 -5.39 19.68
N ILE A 297 25.99 -4.68 18.55
CA ILE A 297 25.85 -5.27 17.22
C ILE A 297 27.01 -6.25 17.03
N GLU A 298 28.18 -5.81 17.48
CA GLU A 298 29.40 -6.61 17.40
C GLU A 298 29.21 -8.01 17.96
N MET A 299 28.49 -8.10 19.07
CA MET A 299 28.23 -9.38 19.72
C MET A 299 26.99 -10.08 19.20
N GLY A 300 26.20 -9.39 18.39
CA GLY A 300 24.98 -9.99 17.88
C GLY A 300 23.96 -10.06 18.99
N ALA A 301 23.96 -9.05 19.85
CA ALA A 301 23.04 -9.00 20.98
C ALA A 301 21.71 -8.30 20.73
N VAL A 302 21.67 -7.37 19.76
CA VAL A 302 20.44 -6.63 19.49
C VAL A 302 19.26 -7.46 19.02
N GLU A 303 18.25 -7.59 19.89
CA GLU A 303 17.04 -8.34 19.55
C GLU A 303 16.22 -7.40 18.65
N THR A 304 16.03 -6.18 19.13
CA THR A 304 15.32 -5.16 18.38
C THR A 304 15.90 -3.79 18.73
N VAL A 305 15.99 -2.92 17.74
CA VAL A 305 16.52 -1.60 17.98
C VAL A 305 15.44 -0.55 17.72
N LEU A 306 15.42 0.50 18.55
CA LEU A 306 14.46 1.59 18.41
C LEU A 306 15.25 2.82 18.02
N VAL A 307 14.88 3.42 16.90
CA VAL A 307 15.58 4.61 16.42
C VAL A 307 14.62 5.67 15.88
N ILE A 308 14.77 6.89 16.39
CA ILE A 308 13.92 8.02 15.98
C ILE A 308 14.27 8.52 14.58
N GLU A 309 13.25 8.97 13.85
CA GLU A 309 13.42 9.44 12.49
C GLU A 309 14.53 10.43 12.23
N ASP A 310 14.77 11.33 13.17
CA ASP A 310 15.81 12.36 13.02
C ASP A 310 17.22 11.81 12.72
N LEU A 311 17.58 10.70 13.37
CA LEU A 311 18.90 10.10 13.17
C LEU A 311 19.12 9.59 11.75
N LEU A 312 18.16 9.85 10.86
CA LEU A 312 18.25 9.42 9.46
C LEU A 312 18.03 10.56 8.47
N SER A 313 18.06 11.81 8.94
CA SER A 313 17.82 12.95 8.07
C SER A 313 18.99 13.93 8.01
N SER A 314 19.76 13.86 6.93
CA SER A 314 20.92 14.74 6.72
C SER A 314 21.87 14.74 7.93
N ASP A 315 22.72 13.72 8.01
CA ASP A 315 23.68 13.57 9.10
C ASP A 315 25.06 13.16 8.58
N GLU A 316 25.39 13.60 7.38
CA GLU A 316 26.67 13.30 6.75
C GLU A 316 27.14 11.86 7.04
N GLN A 317 28.43 11.72 7.29
CA GLN A 317 29.04 10.42 7.57
C GLN A 317 28.36 9.63 8.69
N GLU A 318 27.31 10.21 9.27
CA GLU A 318 26.59 9.53 10.35
C GLU A 318 25.37 8.82 9.79
N ARG A 319 24.60 9.54 8.98
CA ARG A 319 23.39 8.95 8.40
C ARG A 319 23.75 7.70 7.61
N LEU A 320 25.00 7.61 7.16
CA LEU A 320 25.45 6.44 6.43
C LEU A 320 25.80 5.35 7.43
N THR A 321 26.45 5.78 8.52
CA THR A 321 26.89 4.89 9.59
C THR A 321 25.71 4.22 10.28
N ILE A 322 24.75 5.04 10.70
CA ILE A 322 23.58 4.51 11.38
C ILE A 322 22.92 3.58 10.39
N GLU A 323 22.67 4.08 9.19
CA GLU A 323 22.05 3.30 8.14
C GLU A 323 22.65 1.90 8.08
N ARG A 324 23.97 1.82 8.10
CA ARG A 324 24.67 0.54 8.04
C ARG A 324 24.40 -0.29 9.31
N MET A 325 24.46 0.36 10.45
CA MET A 325 24.20 -0.30 11.73
C MET A 325 22.86 -1.03 11.65
N LEU A 326 21.87 -0.35 11.09
CA LEU A 326 20.52 -0.90 10.97
C LEU A 326 20.40 -2.09 10.04
N GLU A 327 21.26 -2.14 9.02
CA GLU A 327 21.20 -3.28 8.12
C GLU A 327 21.85 -4.46 8.82
N ASP A 328 22.89 -4.19 9.61
CA ASP A 328 23.60 -5.24 10.34
C ASP A 328 22.67 -5.92 11.33
N ILE A 329 21.88 -5.11 12.02
CA ILE A 329 20.93 -5.64 12.99
C ILE A 329 19.96 -6.63 12.33
N GLU A 330 19.47 -6.28 11.14
CA GLU A 330 18.55 -7.16 10.42
C GLU A 330 19.29 -8.33 9.77
N ASN A 331 20.57 -8.14 9.49
CA ASN A 331 21.40 -9.20 8.92
C ASN A 331 21.76 -10.19 10.03
N LYS A 332 21.00 -10.14 11.13
CA LYS A 332 21.21 -11.03 12.27
C LYS A 332 19.88 -11.21 13.01
N ARG A 333 18.81 -11.23 12.24
CA ARG A 333 17.45 -11.40 12.75
C ARG A 333 17.02 -10.36 13.78
N GLY A 334 17.54 -9.16 13.61
CA GLY A 334 17.18 -8.08 14.51
C GLY A 334 15.98 -7.33 13.96
N GLU A 335 15.22 -6.70 14.85
CA GLU A 335 14.05 -5.94 14.46
C GLU A 335 14.34 -4.46 14.57
N VAL A 336 14.08 -3.71 13.51
CA VAL A 336 14.31 -2.27 13.50
C VAL A 336 12.98 -1.52 13.44
N ILE A 337 12.68 -0.73 14.46
CA ILE A 337 11.45 0.03 14.47
C ILE A 337 11.82 1.50 14.44
N LEU A 338 11.55 2.15 13.32
CA LEU A 338 11.83 3.57 13.21
C LEU A 338 10.77 4.30 14.03
N VAL A 339 11.14 5.45 14.58
CA VAL A 339 10.20 6.22 15.38
C VAL A 339 10.00 7.65 14.89
N PRO A 340 8.75 7.98 14.52
CA PRO A 340 8.33 9.29 14.01
C PRO A 340 7.93 10.25 15.14
N LYS A 341 7.91 11.54 14.83
CA LYS A 341 7.57 12.59 15.79
C LYS A 341 6.29 12.31 16.58
N GLU A 342 5.26 11.88 15.86
CA GLU A 342 3.95 11.65 16.45
C GLU A 342 3.72 10.48 17.40
N SER A 343 4.70 9.60 17.58
CA SER A 343 4.47 8.48 18.49
C SER A 343 4.57 8.93 19.94
N PRO A 344 3.65 8.45 20.79
CA PRO A 344 3.60 8.76 22.22
C PRO A 344 4.84 8.26 22.94
N ILE A 345 5.83 7.84 22.17
CA ILE A 345 7.07 7.33 22.73
C ILE A 345 8.28 8.07 22.17
N TYR A 346 8.05 8.94 21.20
CA TYR A 346 9.14 9.68 20.58
C TYR A 346 10.01 10.45 21.58
N PHE A 347 9.39 11.23 22.45
CA PHE A 347 10.18 12.01 23.41
C PHE A 347 10.93 11.18 24.43
N GLU A 348 10.29 10.15 25.00
CA GLU A 348 11.00 9.30 25.96
C GLU A 348 12.26 8.77 25.29
N LEU A 349 12.12 8.38 24.03
CA LEU A 349 13.23 7.84 23.28
C LEU A 349 14.32 8.89 23.06
N LYS A 350 13.96 10.00 22.41
CA LYS A 350 14.91 11.08 22.12
C LYS A 350 15.70 11.44 23.37
N ASN A 351 15.05 11.30 24.52
CA ASN A 351 15.69 11.59 25.79
C ASN A 351 16.95 10.76 25.89
N LEU A 352 16.82 9.48 25.57
CA LEU A 352 17.93 8.53 25.64
C LEU A 352 18.76 8.44 24.36
N THR A 353 19.14 9.61 23.84
CA THR A 353 19.97 9.75 22.65
C THR A 353 19.26 9.43 21.34
N GLY A 354 18.07 8.86 21.43
CA GLY A 354 17.32 8.55 20.22
C GLY A 354 17.50 7.17 19.66
N ILE A 355 18.27 6.32 20.33
CA ILE A 355 18.47 4.95 19.86
C ILE A 355 18.77 3.97 20.99
N LEU A 356 17.85 3.05 21.24
CA LEU A 356 18.05 2.06 22.28
C LEU A 356 17.83 0.68 21.70
N ALA A 357 18.54 -0.30 22.25
CA ALA A 357 18.44 -1.68 21.79
C ALA A 357 18.09 -2.61 22.93
N ILE A 358 17.06 -3.43 22.72
CA ILE A 358 16.67 -4.43 23.71
C ILE A 358 17.62 -5.59 23.42
N LEU A 359 18.44 -5.95 24.41
CA LEU A 359 19.45 -6.99 24.24
C LEU A 359 19.04 -8.45 24.48
N ARG A 360 19.78 -9.35 23.84
CA ARG A 360 19.56 -10.79 23.97
C ARG A 360 20.30 -11.31 25.20
N PHE A 361 21.41 -10.65 25.52
CA PHE A 361 22.23 -10.99 26.67
C PHE A 361 23.12 -9.80 27.00
N ARG A 362 23.65 -9.80 28.22
CA ARG A 362 24.51 -8.72 28.67
C ARG A 362 25.76 -8.50 27.80
N ILE A 363 26.15 -7.24 27.69
CA ILE A 363 27.32 -6.84 26.93
C ILE A 363 28.13 -5.91 27.82
N ASN A 364 27.68 -5.83 29.08
CA ASN A 364 28.29 -5.00 30.12
C ASN A 364 27.79 -3.55 30.12
#